data_7MQW
#
_entry.id   7MQW
#
_cell.length_a   55.149
_cell.length_b   55.149
_cell.length_c   205.735
_cell.angle_alpha   90.000
_cell.angle_beta   90.000
_cell.angle_gamma   90.000
#
_symmetry.space_group_name_H-M   'P 43 21 2'
#
loop_
_entity.id
_entity.type
_entity.pdbx_description
1 polymer 'HIT family protein'
2 non-polymer 'SULFATE ION'
3 water water
#
_entity_poly.entity_id   1
_entity_poly.type   'polypeptide(L)'
_entity_poly.pdbx_seq_one_letter_code
;MLMSMATVFTKIINRELPGRFVYEDDDIVAFLTIEPMTQGHTLVVPRAELDNWQDIEPAVFARVMEVSQLIGKAVCKAFD
TERSGLIIAGLEVPHLHVHVFPARNLSDFGFANVDRNPSPESLDEAQAKIKAALADLQSAAG
;
_entity_poly.pdbx_strand_id   A,B
#
loop_
_chem_comp.id
_chem_comp.type
_chem_comp.name
_chem_comp.formula
SO4 non-polymer 'SULFATE ION' 'O4 S -2'
#
# COMPACT_ATOMS: atom_id res chain seq x y z
N MET A 3 1.43 -9.22 -25.78
CA MET A 3 0.46 -9.05 -24.71
C MET A 3 1.08 -8.40 -23.48
N SER A 4 1.16 -7.08 -23.47
CA SER A 4 1.65 -6.37 -22.30
C SER A 4 0.71 -6.58 -21.12
N MET A 5 1.23 -6.30 -19.91
CA MET A 5 0.43 -6.47 -18.71
C MET A 5 -0.79 -5.56 -18.73
N ALA A 6 -0.64 -4.35 -19.28
CA ALA A 6 -1.77 -3.43 -19.33
C ALA A 6 -2.87 -3.96 -20.26
N THR A 7 -2.47 -4.59 -21.37
CA THR A 7 -3.45 -5.12 -22.31
C THR A 7 -4.24 -6.27 -21.69
N VAL A 8 -3.53 -7.22 -21.06
CA VAL A 8 -4.22 -8.34 -20.42
C VAL A 8 -5.10 -7.84 -19.29
N PHE A 9 -4.63 -6.85 -18.54
CA PHE A 9 -5.39 -6.31 -17.42
C PHE A 9 -6.72 -5.72 -17.91
N THR A 10 -6.68 -4.91 -18.97
CA THR A 10 -7.90 -4.31 -19.50
C THR A 10 -8.84 -5.38 -20.07
N LYS A 11 -8.30 -6.42 -20.70
CA LYS A 11 -9.16 -7.46 -21.24
C LYS A 11 -9.85 -8.24 -20.13
N ILE A 12 -9.17 -8.42 -19.00
CA ILE A 12 -9.79 -9.11 -17.87
C ILE A 12 -10.97 -8.30 -17.35
N ILE A 13 -10.74 -7.00 -17.09
CA ILE A 13 -11.82 -6.22 -16.48
C ILE A 13 -12.99 -6.08 -17.46
N ASN A 14 -12.71 -6.12 -18.77
CA ASN A 14 -13.77 -6.07 -19.80
C ASN A 14 -14.33 -7.43 -20.16
N ARG A 15 -13.83 -8.52 -19.57
CA ARG A 15 -14.34 -9.87 -19.78
C ARG A 15 -14.16 -10.36 -21.21
N GLU A 16 -13.16 -9.81 -21.89
CA GLU A 16 -12.70 -10.33 -23.17
C GLU A 16 -11.63 -11.41 -23.01
N LEU A 17 -11.00 -11.47 -21.84
CA LEU A 17 -10.16 -12.57 -21.43
C LEU A 17 -10.66 -13.09 -20.09
N PRO A 18 -10.60 -14.40 -19.85
CA PRO A 18 -11.09 -14.94 -18.58
C PRO A 18 -10.25 -14.48 -17.40
N GLY A 19 -10.94 -14.17 -16.30
CA GLY A 19 -10.27 -13.80 -15.07
C GLY A 19 -10.87 -14.56 -13.91
N ARG A 20 -10.11 -14.64 -12.82
CA ARG A 20 -10.57 -15.30 -11.60
C ARG A 20 -11.00 -14.23 -10.61
N PHE A 21 -12.27 -13.83 -10.70
CA PHE A 21 -12.81 -12.81 -9.82
C PHE A 21 -13.16 -13.37 -8.45
N VAL A 22 -12.99 -12.53 -7.43
CA VAL A 22 -13.39 -12.89 -6.06
C VAL A 22 -14.40 -11.93 -5.47
N TYR A 23 -14.63 -10.76 -6.08
CA TYR A 23 -15.53 -9.76 -5.52
C TYR A 23 -16.00 -8.81 -6.62
N GLU A 24 -17.25 -8.38 -6.53
CA GLU A 24 -17.69 -7.32 -7.42
C GLU A 24 -18.77 -6.47 -6.75
N ASP A 25 -18.65 -5.16 -6.98
CA ASP A 25 -19.47 -4.04 -6.54
C ASP A 25 -20.00 -3.30 -7.75
N ASP A 26 -20.92 -2.37 -7.50
CA ASP A 26 -21.29 -1.40 -8.52
C ASP A 26 -20.08 -0.60 -9.00
N ASP A 27 -19.10 -0.41 -8.13
CA ASP A 27 -17.97 0.47 -8.41
C ASP A 27 -16.62 -0.21 -8.46
N ILE A 28 -16.47 -1.39 -7.87
CA ILE A 28 -15.15 -1.99 -7.64
C ILE A 28 -15.24 -3.49 -7.93
N VAL A 29 -14.21 -4.05 -8.56
CA VAL A 29 -14.07 -5.50 -8.71
C VAL A 29 -12.74 -5.92 -8.11
N ALA A 30 -12.62 -7.21 -7.82
CA ALA A 30 -11.33 -7.74 -7.37
C ALA A 30 -11.10 -9.10 -8.01
N PHE A 31 -9.87 -9.33 -8.50
CA PHE A 31 -9.56 -10.59 -9.15
C PHE A 31 -8.11 -10.96 -8.86
N LEU A 32 -7.80 -12.24 -9.02
CA LEU A 32 -6.44 -12.69 -8.77
C LEU A 32 -5.50 -12.19 -9.86
N THR A 33 -4.31 -11.73 -9.43
CA THR A 33 -3.27 -11.43 -10.42
C THR A 33 -2.67 -12.73 -10.94
N ILE A 34 -2.22 -12.70 -12.20
CA ILE A 34 -1.52 -13.87 -12.73
C ILE A 34 -0.03 -13.82 -12.49
N GLU A 35 0.47 -12.79 -11.77
CA GLU A 35 1.87 -12.75 -11.31
C GLU A 35 1.89 -12.57 -9.80
N PRO A 36 1.45 -13.58 -9.05
CA PRO A 36 1.28 -13.39 -7.61
C PRO A 36 2.59 -13.29 -6.84
N MET A 37 2.63 -12.35 -5.88
CA MET A 37 3.72 -12.27 -4.92
C MET A 37 3.67 -13.41 -3.93
N THR A 38 2.47 -13.76 -3.48
CA THR A 38 2.19 -14.96 -2.70
C THR A 38 0.86 -15.51 -3.19
N GLN A 39 0.59 -16.79 -2.91
CA GLN A 39 -0.70 -17.33 -3.32
C GLN A 39 -1.82 -16.57 -2.64
N GLY A 40 -2.84 -16.19 -3.42
CA GLY A 40 -3.93 -15.37 -2.91
C GLY A 40 -3.80 -13.90 -3.23
N HIS A 41 -2.72 -13.50 -3.91
CA HIS A 41 -2.52 -12.10 -4.28
C HIS A 41 -3.64 -11.62 -5.18
N THR A 42 -4.38 -10.62 -4.70
CA THR A 42 -5.60 -10.11 -5.32
C THR A 42 -5.39 -8.66 -5.72
N LEU A 43 -6.01 -8.25 -6.83
CA LEU A 43 -6.00 -6.85 -7.27
C LEU A 43 -7.38 -6.27 -7.03
N VAL A 44 -7.43 -5.15 -6.30
CA VAL A 44 -8.68 -4.43 -6.03
C VAL A 44 -8.73 -3.24 -6.97
N VAL A 45 -9.78 -3.16 -7.79
CA VAL A 45 -9.76 -2.35 -9.01
C VAL A 45 -11.05 -1.54 -9.19
N PRO A 46 -10.99 -0.22 -9.33
CA PRO A 46 -12.20 0.51 -9.70
C PRO A 46 -12.63 0.13 -11.10
N ARG A 47 -13.94 0.00 -11.29
CA ARG A 47 -14.43 -0.33 -12.62
C ARG A 47 -14.15 0.79 -13.61
N ALA A 48 -14.31 2.03 -13.18
CA ALA A 48 -13.92 3.17 -14.00
C ALA A 48 -12.41 3.26 -14.10
N GLU A 49 -11.92 3.73 -15.25
CA GLU A 49 -10.50 3.99 -15.38
C GLU A 49 -10.08 5.17 -14.51
N LEU A 50 -9.23 4.90 -13.54
CA LEU A 50 -8.62 5.90 -12.69
C LEU A 50 -7.14 5.57 -12.58
N ASP A 51 -6.35 6.56 -12.19
CA ASP A 51 -4.92 6.35 -12.01
C ASP A 51 -4.39 7.43 -11.09
N ASN A 52 -3.19 7.20 -10.56
CA ASN A 52 -2.51 8.17 -9.70
C ASN A 52 -3.19 8.29 -8.35
N TRP A 53 -3.04 7.26 -7.51
CA TRP A 53 -3.85 7.09 -6.31
C TRP A 53 -3.87 8.35 -5.45
N GLN A 54 -2.74 9.03 -5.31
CA GLN A 54 -2.68 10.12 -4.35
C GLN A 54 -3.50 11.33 -4.81
N ASP A 55 -3.82 11.40 -6.09
CA ASP A 55 -4.55 12.52 -6.67
C ASP A 55 -6.03 12.23 -6.89
N ILE A 56 -6.48 11.01 -6.59
CA ILE A 56 -7.88 10.62 -6.82
C ILE A 56 -8.76 11.25 -5.74
N GLU A 57 -10.03 11.53 -6.08
CA GLU A 57 -10.96 12.11 -5.12
C GLU A 57 -10.95 11.34 -3.82
N PRO A 58 -10.87 12.01 -2.67
CA PRO A 58 -10.69 11.28 -1.40
C PRO A 58 -11.78 10.25 -1.12
N ALA A 59 -13.05 10.57 -1.39
CA ALA A 59 -14.12 9.62 -1.11
C ALA A 59 -14.05 8.41 -2.04
N VAL A 60 -13.62 8.62 -3.29
CA VAL A 60 -13.49 7.52 -4.23
C VAL A 60 -12.34 6.60 -3.79
N PHE A 61 -11.21 7.19 -3.42
CA PHE A 61 -10.10 6.39 -2.92
C PHE A 61 -10.46 5.67 -1.63
N ALA A 62 -11.22 6.34 -0.75
CA ALA A 62 -11.66 5.73 0.50
C ALA A 62 -12.48 4.46 0.24
N ARG A 63 -13.39 4.51 -0.75
CA ARG A 63 -14.15 3.33 -1.12
C ARG A 63 -13.25 2.18 -1.56
N VAL A 64 -12.27 2.48 -2.40
CA VAL A 64 -11.35 1.45 -2.86
C VAL A 64 -10.61 0.86 -1.67
N MET A 65 -10.15 1.71 -0.74
CA MET A 65 -9.38 1.19 0.37
C MET A 65 -10.27 0.42 1.34
N GLU A 66 -11.55 0.74 1.40
CA GLU A 66 -12.46 0.00 2.27
C GLU A 66 -12.72 -1.41 1.72
N VAL A 67 -12.92 -1.54 0.40
CA VAL A 67 -13.00 -2.87 -0.18
C VAL A 67 -11.68 -3.59 -0.01
N SER A 68 -10.56 -2.85 -0.08
CA SER A 68 -9.26 -3.48 0.13
C SER A 68 -9.15 -4.07 1.54
N GLN A 69 -9.71 -3.40 2.54
CA GLN A 69 -9.74 -3.98 3.89
C GLN A 69 -10.48 -5.31 3.91
N LEU A 70 -11.65 -5.36 3.27
CA LEU A 70 -12.40 -6.61 3.21
C LEU A 70 -11.59 -7.72 2.56
N ILE A 71 -10.92 -7.41 1.45
CA ILE A 71 -10.07 -8.41 0.79
C ILE A 71 -8.91 -8.81 1.70
N GLY A 72 -8.33 -7.83 2.42
CA GLY A 72 -7.27 -8.15 3.36
C GLY A 72 -7.71 -9.10 4.45
N LYS A 73 -8.90 -8.89 5.02
CA LYS A 73 -9.43 -9.85 5.99
C LYS A 73 -9.61 -11.21 5.35
N ALA A 74 -10.06 -11.23 4.10
CA ALA A 74 -10.36 -12.51 3.45
C ALA A 74 -9.09 -13.30 3.15
N VAL A 75 -8.03 -12.64 2.71
CA VAL A 75 -6.83 -13.40 2.39
C VAL A 75 -6.14 -13.90 3.65
N CYS A 76 -6.20 -13.12 4.75
CA CYS A 76 -5.67 -13.60 6.02
C CYS A 76 -6.42 -14.84 6.48
N LYS A 77 -7.75 -14.83 6.35
CA LYS A 77 -8.55 -15.99 6.76
C LYS A 77 -8.30 -17.17 5.84
N ALA A 78 -8.25 -16.92 4.53
CA ALA A 78 -8.16 -17.99 3.54
C ALA A 78 -6.83 -18.73 3.61
N PHE A 79 -5.74 -18.00 3.91
CA PHE A 79 -4.41 -18.59 3.86
C PHE A 79 -3.74 -18.63 5.21
N ASP A 80 -4.49 -18.42 6.28
CA ASP A 80 -4.00 -18.58 7.66
C ASP A 80 -2.74 -17.75 7.90
N THR A 81 -2.83 -16.46 7.61
CA THR A 81 -1.75 -15.54 7.95
C THR A 81 -2.26 -14.48 8.90
N GLU A 82 -1.36 -14.02 9.78
CA GLU A 82 -1.72 -12.96 10.71
C GLU A 82 -1.87 -11.62 9.99
N ARG A 83 -1.08 -11.39 8.95
CA ARG A 83 -1.05 -10.09 8.28
C ARG A 83 -1.24 -10.25 6.79
N SER A 84 -1.75 -9.18 6.18
CA SER A 84 -1.86 -9.07 4.73
C SER A 84 -1.00 -7.89 4.30
N GLY A 85 -0.30 -8.04 3.17
CA GLY A 85 0.41 -6.92 2.59
C GLY A 85 -0.48 -6.13 1.65
N LEU A 86 -0.19 -4.83 1.54
CA LEU A 86 -0.90 -3.96 0.62
C LEU A 86 0.13 -3.10 -0.11
N ILE A 87 0.05 -3.05 -1.44
CA ILE A 87 0.93 -2.21 -2.24
C ILE A 87 0.11 -1.47 -3.29
N ILE A 88 0.40 -0.19 -3.47
CA ILE A 88 0.03 0.53 -4.67
C ILE A 88 1.31 0.98 -5.36
N ALA A 89 1.45 0.62 -6.64
CA ALA A 89 2.63 0.98 -7.40
C ALA A 89 2.21 1.71 -8.67
N GLY A 90 1.61 0.98 -9.62
CA GLY A 90 1.09 1.58 -10.83
C GLY A 90 2.07 1.75 -11.96
N LEU A 91 3.30 1.25 -11.81
CA LEU A 91 4.30 1.41 -12.84
C LEU A 91 4.12 0.44 -14.01
N GLU A 92 3.35 -0.63 -13.82
CA GLU A 92 3.14 -1.58 -14.90
C GLU A 92 1.82 -1.40 -15.63
N VAL A 93 0.75 -1.06 -14.90
CA VAL A 93 -0.58 -0.93 -15.49
C VAL A 93 -1.15 0.41 -15.02
N PRO A 94 -1.47 1.33 -15.96
CA PRO A 94 -1.96 2.66 -15.58
C PRO A 94 -3.46 2.71 -15.34
N HIS A 95 -3.97 1.72 -14.61
CA HIS A 95 -5.34 1.68 -14.12
C HIS A 95 -5.19 1.34 -12.65
N LEU A 96 -5.67 2.22 -11.78
CA LEU A 96 -5.54 2.06 -10.33
C LEU A 96 -5.86 0.63 -9.91
N HIS A 97 -4.95 0.03 -9.16
CA HIS A 97 -5.24 -1.28 -8.61
C HIS A 97 -4.42 -1.45 -7.34
N VAL A 98 -5.06 -1.99 -6.31
CA VAL A 98 -4.41 -2.21 -5.02
C VAL A 98 -4.03 -3.68 -4.92
N HIS A 99 -2.76 -3.94 -4.70
CA HIS A 99 -2.27 -5.29 -4.43
C HIS A 99 -2.56 -5.66 -2.99
N VAL A 100 -3.26 -6.78 -2.78
CA VAL A 100 -3.56 -7.28 -1.44
C VAL A 100 -3.23 -8.77 -1.41
N PHE A 101 -2.36 -9.18 -0.47
CA PHE A 101 -1.88 -10.56 -0.49
C PHE A 101 -1.56 -11.02 0.92
N PRO A 102 -1.63 -12.32 1.20
CA PRO A 102 -1.13 -12.82 2.49
C PRO A 102 0.37 -12.55 2.61
N ALA A 103 0.79 -12.04 3.76
CA ALA A 103 2.18 -11.68 3.96
C ALA A 103 2.80 -12.56 5.04
N ARG A 104 3.97 -13.13 4.74
CA ARG A 104 4.66 -13.99 5.71
C ARG A 104 6.09 -13.53 5.91
N ASN A 105 6.70 -13.01 4.84
CA ASN A 105 8.12 -12.69 4.81
C ASN A 105 8.31 -11.30 4.23
N LEU A 106 9.33 -10.58 4.70
CA LEU A 106 9.62 -9.28 4.10
C LEU A 106 9.88 -9.40 2.60
N SER A 107 10.46 -10.52 2.17
CA SER A 107 10.74 -10.73 0.75
C SER A 107 9.47 -10.87 -0.08
N ASP A 108 8.31 -11.08 0.56
CA ASP A 108 7.06 -11.13 -0.20
C ASP A 108 6.76 -9.80 -0.88
N PHE A 109 7.28 -8.69 -0.32
CA PHE A 109 7.06 -7.34 -0.83
C PHE A 109 8.22 -7.05 -1.79
N GLY A 110 7.98 -7.24 -3.07
CA GLY A 110 9.05 -7.10 -4.02
C GLY A 110 8.62 -7.62 -5.35
N PHE A 111 8.67 -6.78 -6.37
CA PHE A 111 8.17 -7.19 -7.67
C PHE A 111 9.09 -8.18 -8.38
N ALA A 112 10.37 -8.23 -8.00
CA ALA A 112 11.29 -9.14 -8.67
C ALA A 112 11.00 -10.60 -8.36
N ASN A 113 10.40 -10.88 -7.20
CA ASN A 113 10.21 -12.25 -6.73
C ASN A 113 8.84 -12.85 -7.08
N VAL A 114 8.07 -12.21 -7.96
CA VAL A 114 6.72 -12.70 -8.24
C VAL A 114 6.79 -14.03 -8.97
N ASP A 115 5.73 -14.81 -8.85
CA ASP A 115 5.57 -16.03 -9.62
C ASP A 115 5.01 -15.66 -10.98
N ARG A 116 5.81 -15.80 -12.03
CA ARG A 116 5.34 -15.45 -13.36
C ARG A 116 4.56 -16.57 -14.01
N ASN A 117 4.46 -17.72 -13.36
CA ASN A 117 3.76 -18.84 -13.98
C ASN A 117 3.04 -19.69 -12.94
N PRO A 118 2.11 -19.12 -12.18
CA PRO A 118 1.40 -19.89 -11.16
C PRO A 118 0.57 -21.01 -11.78
N SER A 119 0.51 -22.13 -11.08
CA SER A 119 -0.24 -23.28 -11.59
C SER A 119 -1.74 -22.97 -11.59
N PRO A 120 -2.48 -23.54 -12.55
CA PRO A 120 -3.94 -23.31 -12.56
C PRO A 120 -4.63 -23.74 -11.26
N GLU A 121 -4.25 -24.88 -10.69
CA GLU A 121 -4.92 -25.28 -9.44
C GLU A 121 -4.64 -24.29 -8.32
N SER A 122 -3.41 -23.75 -8.25
CA SER A 122 -3.11 -22.80 -7.18
C SER A 122 -3.99 -21.57 -7.29
N LEU A 123 -4.27 -21.14 -8.51
CA LEU A 123 -5.16 -19.99 -8.70
C LEU A 123 -6.61 -20.38 -8.42
N ASP A 124 -7.03 -21.57 -8.88
CA ASP A 124 -8.38 -22.04 -8.57
C ASP A 124 -8.61 -22.08 -7.07
N GLU A 125 -7.62 -22.60 -6.34
CA GLU A 125 -7.77 -22.77 -4.90
C GLU A 125 -7.74 -21.43 -4.18
N ALA A 126 -6.87 -20.52 -4.60
CA ALA A 126 -6.90 -19.17 -4.05
C ALA A 126 -8.26 -18.54 -4.25
N GLN A 127 -8.81 -18.64 -5.46
CA GLN A 127 -10.11 -18.05 -5.74
C GLN A 127 -11.20 -18.64 -4.86
N ALA A 128 -11.25 -19.97 -4.79
CA ALA A 128 -12.28 -20.63 -3.98
C ALA A 128 -12.13 -20.31 -2.49
N LYS A 129 -10.89 -20.28 -1.99
CA LYS A 129 -10.70 -20.01 -0.56
C LYS A 129 -11.04 -18.56 -0.22
N ILE A 130 -10.67 -17.62 -1.09
CA ILE A 130 -11.01 -16.21 -0.84
C ILE A 130 -12.52 -16.02 -0.91
N LYS A 131 -13.17 -16.63 -1.91
CA LYS A 131 -14.63 -16.52 -1.99
C LYS A 131 -15.30 -17.11 -0.75
N ALA A 132 -14.78 -18.24 -0.24
CA ALA A 132 -15.36 -18.83 0.96
C ALA A 132 -15.18 -17.91 2.16
N ALA A 133 -14.00 -17.30 2.29
CA ALA A 133 -13.77 -16.39 3.41
C ALA A 133 -14.65 -15.16 3.31
N LEU A 134 -14.81 -14.62 2.09
CA LEU A 134 -15.67 -13.45 1.92
C LEU A 134 -17.11 -13.76 2.29
N ALA A 135 -17.60 -14.95 1.93
CA ALA A 135 -18.96 -15.32 2.29
C ALA A 135 -19.12 -15.38 3.81
N ASP A 136 -18.11 -15.93 4.50
CA ASP A 136 -18.15 -15.94 5.96
C ASP A 136 -18.14 -14.51 6.50
N LEU A 137 -17.27 -13.66 5.96
CA LEU A 137 -17.13 -12.31 6.50
C LEU A 137 -18.33 -11.44 6.21
N GLN A 138 -19.01 -11.67 5.09
CA GLN A 138 -20.12 -10.82 4.67
C GLN A 138 -21.47 -11.30 5.21
N SER A 139 -21.49 -12.43 5.91
CA SER A 139 -22.70 -12.92 6.54
C SER A 139 -22.85 -12.38 7.95
N MET B 3 19.20 -2.34 19.01
CA MET B 3 17.88 -1.72 19.07
C MET B 3 17.00 -2.16 17.90
N SER B 4 15.84 -2.74 18.22
CA SER B 4 14.93 -3.23 17.19
C SER B 4 14.26 -2.08 16.46
N MET B 5 13.71 -2.39 15.29
CA MET B 5 13.01 -1.36 14.53
C MET B 5 11.79 -0.85 15.27
N ALA B 6 11.12 -1.73 16.02
CA ALA B 6 9.98 -1.31 16.82
C ALA B 6 10.40 -0.33 17.91
N THR B 7 11.53 -0.60 18.58
CA THR B 7 12.00 0.31 19.62
C THR B 7 12.38 1.67 19.02
N VAL B 8 13.09 1.66 17.89
CA VAL B 8 13.47 2.91 17.23
C VAL B 8 12.24 3.68 16.79
N PHE B 9 11.25 3.00 16.21
CA PHE B 9 10.01 3.64 15.81
C PHE B 9 9.34 4.35 16.98
N THR B 10 9.22 3.67 18.12
CA THR B 10 8.56 4.27 19.27
C THR B 10 9.35 5.45 19.80
N LYS B 11 10.68 5.35 19.76
CA LYS B 11 11.51 6.49 20.15
C LYS B 11 11.27 7.69 19.23
N ILE B 12 11.16 7.44 17.91
CA ILE B 12 10.95 8.57 17.00
C ILE B 12 9.60 9.23 17.25
N ILE B 13 8.56 8.41 17.40
CA ILE B 13 7.23 8.99 17.55
C ILE B 13 7.10 9.74 18.88
N ASN B 14 7.87 9.33 19.90
CA ASN B 14 7.86 10.00 21.19
C ASN B 14 8.95 11.06 21.30
N ARG B 15 9.58 11.41 20.18
CA ARG B 15 10.59 12.48 20.14
C ARG B 15 11.78 12.20 21.05
N GLU B 16 12.15 10.92 21.21
CA GLU B 16 13.29 10.54 22.01
C GLU B 16 14.53 10.29 21.17
N LEU B 17 14.38 10.21 19.85
CA LEU B 17 15.38 10.27 18.79
C LEU B 17 14.99 11.42 17.88
N PRO B 18 15.95 12.14 17.32
CA PRO B 18 15.60 13.23 16.39
C PRO B 18 14.83 12.67 15.20
N GLY B 19 13.71 13.31 14.88
CA GLY B 19 12.87 12.87 13.80
C GLY B 19 12.59 14.04 12.86
N ARG B 20 12.32 13.72 11.61
CA ARG B 20 12.00 14.72 10.59
C ARG B 20 10.50 14.60 10.34
N PHE B 21 9.72 15.30 11.16
CA PHE B 21 8.27 15.32 10.99
C PHE B 21 7.87 16.26 9.85
N VAL B 22 6.89 15.83 9.06
CA VAL B 22 6.41 16.64 7.95
C VAL B 22 4.94 17.00 8.07
N TYR B 23 4.20 16.33 8.94
CA TYR B 23 2.77 16.59 9.07
C TYR B 23 2.32 16.18 10.46
N GLU B 24 1.43 16.97 11.04
CA GLU B 24 0.71 16.52 12.23
C GLU B 24 -0.67 17.14 12.29
N ASP B 25 -1.65 16.32 12.66
CA ASP B 25 -2.94 16.85 13.09
C ASP B 25 -3.34 16.15 14.38
N ASP B 26 -4.60 16.30 14.80
CA ASP B 26 -4.99 15.79 16.10
C ASP B 26 -4.94 14.27 16.17
N ASP B 27 -4.99 13.59 15.03
CA ASP B 27 -5.13 12.14 15.03
C ASP B 27 -3.96 11.42 14.39
N ILE B 28 -3.17 12.07 13.55
CA ILE B 28 -2.21 11.42 12.69
C ILE B 28 -0.94 12.24 12.64
N VAL B 29 0.21 11.57 12.60
CA VAL B 29 1.48 12.24 12.30
C VAL B 29 2.11 11.59 11.08
N ALA B 30 3.06 12.31 10.47
CA ALA B 30 3.87 11.73 9.42
C ALA B 30 5.31 12.21 9.54
N PHE B 31 6.26 11.29 9.38
CA PHE B 31 7.66 11.62 9.55
C PHE B 31 8.51 10.73 8.65
N LEU B 32 9.71 11.22 8.33
CA LEU B 32 10.61 10.44 7.48
C LEU B 32 11.08 9.17 8.20
N THR B 33 10.96 8.03 7.55
CA THR B 33 11.63 6.84 8.09
C THR B 33 13.14 7.00 8.08
N ILE B 34 13.82 6.38 9.04
CA ILE B 34 15.27 6.42 9.02
C ILE B 34 15.86 5.17 8.36
N GLU B 35 15.03 4.37 7.70
CA GLU B 35 15.49 3.34 6.77
C GLU B 35 14.74 3.48 5.43
N PRO B 36 15.00 4.54 4.68
CA PRO B 36 14.19 4.85 3.50
C PRO B 36 14.42 3.91 2.33
N MET B 37 13.32 3.56 1.66
CA MET B 37 13.41 2.84 0.39
C MET B 37 13.89 3.76 -0.72
N THR B 38 13.48 5.03 -0.67
CA THR B 38 13.91 6.10 -1.56
C THR B 38 13.93 7.36 -0.73
N GLN B 39 14.72 8.36 -1.16
CA GLN B 39 14.70 9.63 -0.45
C GLN B 39 13.29 10.21 -0.44
N GLY B 40 12.84 10.65 0.73
CA GLY B 40 11.50 11.17 0.90
C GLY B 40 10.51 10.16 1.45
N HIS B 41 10.96 8.93 1.69
CA HIS B 41 10.10 7.89 2.23
C HIS B 41 9.57 8.31 3.60
N THR B 42 8.25 8.42 3.68
CA THR B 42 7.53 8.96 4.83
C THR B 42 6.65 7.88 5.43
N LEU B 43 6.51 7.88 6.76
CA LEU B 43 5.58 7.00 7.46
C LEU B 43 4.39 7.81 7.95
N VAL B 44 3.18 7.36 7.59
CA VAL B 44 1.94 8.00 8.03
C VAL B 44 1.36 7.13 9.15
N VAL B 45 1.14 7.74 10.32
CA VAL B 45 0.98 6.97 11.55
C VAL B 45 -0.16 7.53 12.39
N PRO B 46 -1.17 6.74 12.73
CA PRO B 46 -2.14 7.23 13.73
C PRO B 46 -1.49 7.37 15.09
N ARG B 47 -1.89 8.40 15.83
CA ARG B 47 -1.38 8.58 17.19
C ARG B 47 -1.86 7.45 18.10
N ALA B 48 -3.09 6.97 17.88
CA ALA B 48 -3.64 5.90 18.71
C ALA B 48 -2.91 4.59 18.49
N GLU B 49 -2.94 3.72 19.49
CA GLU B 49 -2.29 2.41 19.43
C GLU B 49 -3.17 1.47 18.61
N LEU B 50 -2.90 1.45 17.30
CA LEU B 50 -3.64 0.65 16.34
C LEU B 50 -2.65 -0.18 15.54
N ASP B 51 -3.14 -1.34 15.08
CA ASP B 51 -2.36 -2.24 14.23
C ASP B 51 -3.34 -2.99 13.35
N ASN B 52 -2.79 -3.67 12.34
CA ASN B 52 -3.55 -4.54 11.44
C ASN B 52 -4.52 -3.72 10.59
N TRP B 53 -3.98 -3.12 9.51
CA TRP B 53 -4.73 -2.16 8.70
C TRP B 53 -6.09 -2.68 8.27
N GLN B 54 -6.19 -3.97 7.93
CA GLN B 54 -7.45 -4.47 7.39
C GLN B 54 -8.55 -4.59 8.44
N ASP B 55 -8.20 -4.53 9.72
CA ASP B 55 -9.16 -4.62 10.81
C ASP B 55 -9.55 -3.27 11.39
N ILE B 56 -8.88 -2.18 10.98
CA ILE B 56 -9.16 -0.86 11.53
C ILE B 56 -10.56 -0.40 11.16
N GLU B 57 -11.23 0.28 12.09
CA GLU B 57 -12.55 0.81 11.81
C GLU B 57 -12.53 1.58 10.50
N PRO B 58 -13.46 1.32 9.58
CA PRO B 58 -13.37 1.90 8.23
C PRO B 58 -13.16 3.40 8.21
N ALA B 59 -13.88 4.15 9.05
CA ALA B 59 -13.72 5.59 9.07
C ALA B 59 -12.33 5.99 9.55
N VAL B 60 -11.80 5.28 10.55
CA VAL B 60 -10.47 5.62 11.07
C VAL B 60 -9.41 5.36 9.99
N PHE B 61 -9.52 4.23 9.30
CA PHE B 61 -8.60 3.92 8.21
C PHE B 61 -8.70 4.94 7.08
N ALA B 62 -9.92 5.37 6.75
CA ALA B 62 -10.11 6.35 5.70
C ALA B 62 -9.36 7.64 6.00
N ARG B 63 -9.35 8.05 7.28
CA ARG B 63 -8.60 9.25 7.68
C ARG B 63 -7.10 9.06 7.47
N VAL B 64 -6.58 7.88 7.82
CA VAL B 64 -5.17 7.59 7.57
C VAL B 64 -4.89 7.62 6.07
N MET B 65 -5.81 7.06 5.28
CA MET B 65 -5.64 7.03 3.83
C MET B 65 -5.69 8.43 3.22
N GLU B 66 -6.54 9.31 3.76
CA GLU B 66 -6.59 10.67 3.24
C GLU B 66 -5.30 11.41 3.51
N VAL B 67 -4.71 11.25 4.70
CA VAL B 67 -3.42 11.90 4.95
C VAL B 67 -2.35 11.24 4.08
N SER B 68 -2.44 9.93 3.87
CA SER B 68 -1.49 9.28 2.98
C SER B 68 -1.54 9.88 1.57
N GLN B 69 -2.73 10.20 1.08
CA GLN B 69 -2.83 10.86 -0.23
C GLN B 69 -2.12 12.20 -0.23
N LEU B 70 -2.34 13.00 0.82
CA LEU B 70 -1.68 14.31 0.91
C LEU B 70 -0.17 14.14 0.85
N ILE B 71 0.36 13.18 1.61
CA ILE B 71 1.79 12.92 1.61
C ILE B 71 2.25 12.44 0.23
N GLY B 72 1.44 11.58 -0.42
CA GLY B 72 1.80 11.13 -1.74
C GLY B 72 1.88 12.26 -2.74
N LYS B 73 0.93 13.20 -2.68
CA LYS B 73 1.03 14.39 -3.51
C LYS B 73 2.30 15.16 -3.20
N ALA B 74 2.64 15.27 -1.91
CA ALA B 74 3.78 16.10 -1.53
C ALA B 74 5.10 15.48 -1.98
N VAL B 75 5.26 14.15 -1.87
CA VAL B 75 6.55 13.58 -2.26
C VAL B 75 6.71 13.58 -3.78
N CYS B 76 5.62 13.40 -4.55
CA CYS B 76 5.71 13.53 -6.01
C CYS B 76 6.17 14.92 -6.41
N LYS B 77 5.61 15.95 -5.77
CA LYS B 77 5.98 17.32 -6.08
C LYS B 77 7.39 17.64 -5.61
N ALA B 78 7.72 17.23 -4.38
CA ALA B 78 9.01 17.54 -3.79
C ALA B 78 10.17 16.91 -4.54
N PHE B 79 9.98 15.70 -5.08
CA PHE B 79 11.05 14.99 -5.76
C PHE B 79 10.82 14.85 -7.25
N ASP B 80 9.85 15.58 -7.80
CA ASP B 80 9.56 15.62 -9.23
C ASP B 80 9.48 14.21 -9.83
N THR B 81 8.68 13.35 -9.20
CA THR B 81 8.40 12.02 -9.71
C THR B 81 6.93 11.94 -10.12
N GLU B 82 6.65 11.21 -11.20
CA GLU B 82 5.26 11.04 -11.63
C GLU B 82 4.45 10.28 -10.60
N ARG B 83 5.03 9.26 -9.99
CA ARG B 83 4.29 8.36 -9.13
C ARG B 83 4.88 8.31 -7.72
N SER B 84 3.99 8.00 -6.78
CA SER B 84 4.30 7.64 -5.40
C SER B 84 3.94 6.18 -5.18
N GLY B 85 4.80 5.47 -4.44
CA GLY B 85 4.47 4.14 -3.97
C GLY B 85 3.83 4.20 -2.59
N LEU B 86 3.01 3.20 -2.31
CA LEU B 86 2.35 3.05 -1.01
C LEU B 86 2.45 1.60 -0.60
N ILE B 87 2.95 1.35 0.62
CA ILE B 87 3.05 0.00 1.15
C ILE B 87 2.52 -0.04 2.57
N ILE B 88 1.74 -1.07 2.90
CA ILE B 88 1.47 -1.43 4.28
C ILE B 88 1.95 -2.86 4.47
N ALA B 89 2.83 -3.06 5.46
CA ALA B 89 3.42 -4.37 5.71
C ALA B 89 3.18 -4.76 7.16
N GLY B 90 3.91 -4.15 8.08
CA GLY B 90 3.68 -4.38 9.48
C GLY B 90 4.48 -5.50 10.10
N LEU B 91 5.36 -6.15 9.34
CA LEU B 91 6.10 -7.29 9.87
C LEU B 91 7.26 -6.88 10.77
N GLU B 92 7.70 -5.62 10.71
CA GLU B 92 8.80 -5.15 11.53
C GLU B 92 8.37 -4.30 12.72
N VAL B 93 7.28 -3.54 12.58
CA VAL B 93 6.79 -2.65 13.63
C VAL B 93 5.31 -2.88 13.83
N PRO B 94 4.84 -3.34 15.00
CA PRO B 94 3.42 -3.64 15.21
C PRO B 94 2.59 -2.43 15.65
N HIS B 95 2.75 -1.31 14.95
CA HIS B 95 1.93 -0.13 15.08
C HIS B 95 1.62 0.30 13.67
N LEU B 96 0.34 0.49 13.34
CA LEU B 96 -0.06 0.85 11.99
C LEU B 96 0.79 2.00 11.47
N HIS B 97 1.41 1.79 10.31
CA HIS B 97 2.12 2.87 9.64
C HIS B 97 2.11 2.59 8.15
N VAL B 98 1.81 3.63 7.37
CA VAL B 98 1.72 3.52 5.92
C VAL B 98 3.01 4.09 5.34
N HIS B 99 3.70 3.30 4.54
CA HIS B 99 4.87 3.76 3.80
C HIS B 99 4.43 4.52 2.56
N VAL B 100 4.90 5.76 2.39
CA VAL B 100 4.61 6.56 1.20
C VAL B 100 5.92 7.15 0.71
N PHE B 101 6.25 6.91 -0.57
CA PHE B 101 7.58 7.30 -1.04
C PHE B 101 7.53 7.62 -2.53
N PRO B 102 8.38 8.54 -3.00
CA PRO B 102 8.45 8.75 -4.45
C PRO B 102 9.00 7.50 -5.12
N ALA B 103 8.42 7.14 -6.26
CA ALA B 103 8.73 5.87 -6.90
C ALA B 103 9.07 6.07 -8.37
N ARG B 104 10.25 5.62 -8.78
CA ARG B 104 10.65 5.67 -10.18
C ARG B 104 10.83 4.31 -10.83
N ASN B 105 11.04 3.26 -10.04
CA ASN B 105 11.26 1.93 -10.59
C ASN B 105 10.63 0.90 -9.67
N LEU B 106 10.19 -0.21 -10.27
CA LEU B 106 9.64 -1.30 -9.46
C LEU B 106 10.62 -1.76 -8.39
N SER B 107 11.93 -1.67 -8.68
CA SER B 107 12.93 -2.11 -7.70
C SER B 107 12.95 -1.24 -6.45
N ASP B 108 12.31 -0.07 -6.49
CA ASP B 108 12.25 0.76 -5.30
C ASP B 108 11.43 0.12 -4.20
N PHE B 109 10.50 -0.77 -4.57
CA PHE B 109 9.48 -1.25 -3.63
C PHE B 109 10.01 -2.41 -2.79
N GLY B 110 9.88 -2.28 -1.48
CA GLY B 110 10.18 -3.41 -0.60
C GLY B 110 11.44 -3.18 0.22
N PHE B 111 11.92 -4.27 0.79
CA PHE B 111 12.87 -4.20 1.90
C PHE B 111 14.24 -4.79 1.56
N ALA B 112 14.51 -5.09 0.29
CA ALA B 112 15.77 -5.72 -0.07
C ALA B 112 16.94 -4.75 -0.06
N ASN B 113 16.68 -3.45 -0.21
CA ASN B 113 17.76 -2.50 -0.42
C ASN B 113 17.39 -1.14 0.21
N VAL B 114 17.06 -1.13 1.49
CA VAL B 114 16.78 0.14 2.15
C VAL B 114 18.10 0.79 2.57
N ASP B 115 18.05 2.13 2.63
CA ASP B 115 19.12 2.99 3.12
C ASP B 115 19.11 2.88 4.65
N ARG B 116 20.00 2.06 5.21
CA ARG B 116 19.90 1.78 6.66
C ARG B 116 20.52 2.85 7.55
N ASN B 117 21.38 3.72 7.02
CA ASN B 117 21.91 4.86 7.77
C ASN B 117 21.96 6.04 6.81
N PRO B 118 20.82 6.66 6.54
CA PRO B 118 20.81 7.77 5.59
C PRO B 118 21.52 8.98 6.17
N SER B 119 22.10 9.78 5.29
CA SER B 119 22.82 10.97 5.74
C SER B 119 21.86 12.00 6.33
N PRO B 120 22.28 12.74 7.36
CA PRO B 120 21.42 13.81 7.89
C PRO B 120 21.06 14.84 6.84
N GLU B 121 21.99 15.13 5.91
CA GLU B 121 21.69 16.06 4.83
C GLU B 121 20.54 15.56 3.96
N SER B 122 20.54 14.25 3.64
CA SER B 122 19.48 13.73 2.79
C SER B 122 18.14 13.80 3.49
N LEU B 123 18.12 13.54 4.81
CA LEU B 123 16.88 13.64 5.56
C LEU B 123 16.42 15.09 5.69
N ASP B 124 17.36 15.99 5.99
CA ASP B 124 16.99 17.40 6.15
C ASP B 124 16.45 17.98 4.86
N GLU B 125 17.09 17.65 3.74
CA GLU B 125 16.62 18.17 2.45
C GLU B 125 15.27 17.58 2.09
N ALA B 126 15.06 16.28 2.36
CA ALA B 126 13.76 15.69 2.10
C ALA B 126 12.68 16.35 2.95
N GLN B 127 12.97 16.56 4.24
CA GLN B 127 12.00 17.23 5.10
C GLN B 127 11.64 18.60 4.57
N ALA B 128 12.67 19.36 4.20
CA ALA B 128 12.46 20.72 3.72
C ALA B 128 11.59 20.73 2.48
N LYS B 129 11.91 19.87 1.51
CA LYS B 129 11.20 19.89 0.24
C LYS B 129 9.78 19.41 0.41
N ILE B 130 9.56 18.41 1.27
CA ILE B 130 8.20 17.92 1.49
C ILE B 130 7.37 18.97 2.21
N LYS B 131 7.93 19.59 3.26
CA LYS B 131 7.17 20.62 3.95
C LYS B 131 6.85 21.78 3.03
N ALA B 132 7.76 22.15 2.13
CA ALA B 132 7.46 23.24 1.22
C ALA B 132 6.32 22.84 0.27
N ALA B 133 6.34 21.60 -0.23
CA ALA B 133 5.27 21.15 -1.12
C ALA B 133 3.93 21.10 -0.40
N LEU B 134 3.94 20.68 0.87
CA LEU B 134 2.69 20.59 1.63
C LEU B 134 2.04 21.95 1.78
N ALA B 135 2.86 23.00 1.95
CA ALA B 135 2.30 24.32 2.19
C ALA B 135 1.39 24.76 1.06
N ASP B 136 1.80 24.51 -0.19
CA ASP B 136 0.93 24.80 -1.33
C ASP B 136 -0.29 23.87 -1.36
N LEU B 137 -0.06 22.57 -1.16
CA LEU B 137 -1.13 21.59 -1.34
C LEU B 137 -2.31 21.86 -0.43
N GLN B 138 -2.08 21.94 0.88
CA GLN B 138 -3.16 22.30 1.79
C GLN B 138 -3.38 23.81 1.88
N SER B 139 -2.61 24.59 1.11
CA SER B 139 -2.75 26.05 0.97
C SER B 139 -3.20 26.76 2.25
S SO4 C . 1.74 -2.33 -10.96
O1 SO4 C . 3.18 -2.35 -11.04
O2 SO4 C . 1.22 -1.41 -11.96
O3 SO4 C . 1.21 -3.66 -11.22
O4 SO4 C . 1.28 -1.91 -9.64
S SO4 D . -10.97 4.49 -21.15
O1 SO4 D . -9.88 5.39 -21.45
O2 SO4 D . -11.91 5.05 -20.19
O3 SO4 D . -10.48 3.23 -20.59
O4 SO4 D . -11.66 4.15 -22.41
S SO4 E . 7.14 -2.59 8.51
O1 SO4 E . 6.05 -2.18 7.61
O2 SO4 E . 8.02 -1.45 8.75
O3 SO4 E . 7.88 -3.71 7.96
O4 SO4 E . 6.55 -2.99 9.77
#